data_2VN9
#
_entry.id   2VN9
#
_cell.length_a   68.276
_cell.length_b   68.276
_cell.length_c   313.450
_cell.angle_alpha   90.00
_cell.angle_beta   90.00
_cell.angle_gamma   120.00
#
_symmetry.space_group_name_H-M   'P 32 2 1'
#
loop_
_entity.id
_entity.type
_entity.pdbx_description
1 polymer 'CALCIUM/CALMODULIN-DEPENDENT PROTEIN KINASE TYPE II DELTA CHAIN'
2 non-polymer 'PHOSPHATE ION'
3 non-polymer 'CHLORIDE ION'
4 non-polymer '4-(2-HYDROXYETHYL)-1-PIPERAZINE ETHANESULFONIC ACID'
5 non-polymer [4-({4-[(5-CYCLOPROPYL-1H-PYRAZOL-3-YL)AMINO]QUINAZOLIN-2-YL}IMINO)CYCLOHEXA-2,5-DIEN-1-YL]ACETONITRILE
6 water water
#
_entity_poly.entity_id   1
_entity_poly.type   'polypeptide(L)'
_entity_poly.pdbx_seq_one_letter_code
;SMTDEYQLFEELGKGAFSVVRRCMKIPTGQEYAAKIINTKKLSARDHQKLEREARICRLLKHPNIVRLHDSISEEGFHYL
VFDLVTGGELFEDIVAREYYSEADASHCIQQILESVNHCHLNGIVHRDLKPENLLLASKSKGAAVKLADFGLAIEVQGDQ
QAWFGFAGTPGYLSPEVLRKDPYGKPVDMWACGVILYILLVGYPPFWDEDQHRLYQQIKAGAYDFPSPEWDTVTPEAKDL
INKMLTINPAKRITASEALKHPWICQRSTVASMMHRQETVDCLKKFNARRKLKGAILTTML
;
_entity_poly.pdbx_strand_id   A,B
#
# COMPACT_ATOMS: atom_id res chain seq x y z
N SER A 1 26.04 -19.26 20.15
CA SER A 1 27.01 -18.13 20.01
C SER A 1 26.29 -16.82 20.02
N MET A 2 25.27 -16.64 19.19
CA MET A 2 24.54 -15.35 19.11
C MET A 2 23.79 -15.02 20.38
N THR A 3 23.03 -15.98 20.92
CA THR A 3 22.31 -15.75 22.19
C THR A 3 23.24 -15.89 23.42
N ASP A 4 24.45 -16.41 23.21
CA ASP A 4 25.52 -16.35 24.22
C ASP A 4 26.29 -15.03 24.20
N GLU A 5 26.30 -14.34 23.05
CA GLU A 5 27.05 -13.08 22.88
C GLU A 5 26.17 -11.83 22.90
N TYR A 6 24.89 -11.97 22.54
CA TYR A 6 23.97 -10.82 22.50
C TYR A 6 22.58 -11.18 22.99
N GLN A 7 21.86 -10.17 23.47
CA GLN A 7 20.49 -10.38 23.87
C GLN A 7 19.59 -9.46 23.07
N LEU A 8 18.63 -10.07 22.39
CA LEU A 8 17.70 -9.33 21.53
C LEU A 8 16.55 -8.74 22.32
N PHE A 9 16.23 -7.48 22.03
CA PHE A 9 15.06 -6.83 22.62
C PHE A 9 14.09 -6.46 21.53
N GLU A 10 13.53 -5.26 21.61
CA GLU A 10 12.39 -4.90 20.77
C GLU A 10 12.82 -4.66 19.35
N GLU A 11 11.86 -4.77 18.45
CA GLU A 11 12.04 -4.42 17.06
C GLU A 11 12.11 -2.90 16.89
N LEU A 12 13.15 -2.45 16.20
CA LEU A 12 13.36 -1.04 15.89
C LEU A 12 12.66 -0.73 14.58
N GLY A 13 12.95 -1.55 13.59
CA GLY A 13 12.33 -1.46 12.29
C GLY A 13 12.52 -2.73 11.47
N LYS A 14 12.29 -2.63 10.15
CA LYS A 14 12.21 -3.78 9.24
C LYS A 14 12.83 -3.49 7.86
N GLY A 15 12.83 -4.52 7.01
CA GLY A 15 13.15 -4.38 5.59
C GLY A 15 12.24 -5.33 4.85
N ALA A 16 12.50 -5.54 3.55
CA ALA A 16 11.68 -6.43 2.73
C ALA A 16 12.01 -7.93 2.98
N PHE A 17 12.92 -8.19 3.92
CA PHE A 17 13.16 -9.56 4.41
C PHE A 17 14.13 -9.56 5.63
N SER A 18 14.07 -8.50 6.44
CA SER A 18 14.91 -8.43 7.63
C SER A 18 14.28 -7.55 8.67
N VAL A 19 14.42 -7.97 9.92
CA VAL A 19 13.94 -7.25 11.06
C VAL A 19 15.18 -6.68 11.71
N VAL A 20 15.05 -5.49 12.31
CA VAL A 20 16.14 -4.91 13.09
C VAL A 20 15.68 -4.77 14.53
N ARG A 21 16.35 -5.48 15.45
CA ARG A 21 16.01 -5.43 16.88
C ARG A 21 17.17 -4.82 17.67
N ARG A 22 16.85 -4.00 18.66
CA ARG A 22 17.86 -3.55 19.58
C ARG A 22 18.39 -4.78 20.34
N CYS A 23 19.66 -4.71 20.67
CA CYS A 23 20.28 -5.81 21.37
C CYS A 23 21.37 -5.28 22.27
N MET A 24 21.75 -6.12 23.20
CA MET A 24 22.77 -5.83 24.18
C MET A 24 23.76 -6.93 24.19
N LYS A 25 25.03 -6.54 24.11
CA LYS A 25 26.18 -7.44 24.29
C LYS A 25 26.22 -8.05 25.73
N ILE A 26 26.37 -9.37 25.78
CA ILE A 26 26.52 -10.07 27.04
C ILE A 26 28.02 -10.15 27.40
N PRO A 27 28.38 -9.84 28.66
CA PRO A 27 27.58 -9.35 29.80
C PRO A 27 27.71 -7.83 30.06
N THR A 28 28.35 -7.12 29.12
CA THR A 28 28.76 -5.72 29.26
C THR A 28 27.60 -4.71 29.21
N GLY A 29 26.46 -5.11 28.63
CA GLY A 29 25.26 -4.29 28.56
C GLY A 29 25.32 -3.24 27.48
N GLN A 30 26.31 -3.29 26.59
CA GLN A 30 26.39 -2.31 25.48
C GLN A 30 25.35 -2.56 24.38
N GLU A 31 24.70 -1.47 23.93
CA GLU A 31 23.65 -1.58 22.94
C GLU A 31 24.10 -1.54 21.49
N TYR A 32 23.39 -2.29 20.67
CA TYR A 32 23.64 -2.34 19.22
C TYR A 32 22.28 -2.53 18.60
N ALA A 33 22.24 -2.41 17.28
CA ALA A 33 21.12 -2.81 16.45
C ALA A 33 21.53 -4.09 15.70
N ALA A 34 20.73 -5.15 15.86
CA ALA A 34 20.88 -6.40 15.15
C ALA A 34 19.88 -6.52 13.99
N LYS A 35 20.40 -6.63 12.79
CA LYS A 35 19.65 -6.95 11.60
C LYS A 35 19.65 -8.48 11.50
N ILE A 36 18.44 -9.03 11.48
CA ILE A 36 18.19 -10.46 11.55
C ILE A 36 17.63 -10.90 10.19
N ILE A 37 18.39 -11.77 9.54
CA ILE A 37 18.02 -12.30 8.25
C ILE A 37 17.66 -13.77 8.42
N ASN A 38 16.39 -14.10 8.21
CA ASN A 38 15.97 -15.50 8.11
C ASN A 38 16.51 -16.07 6.79
N THR A 39 17.39 -17.06 6.90
CA THR A 39 18.09 -17.64 5.75
C THR A 39 17.60 -19.06 5.38
N LYS A 40 16.60 -19.58 6.10
CA LYS A 40 16.14 -20.98 5.90
C LYS A 40 15.74 -21.26 4.46
N LYS A 41 14.99 -20.33 3.86
CA LYS A 41 14.44 -20.51 2.51
C LYS A 41 15.29 -19.80 1.43
N LEU A 42 16.38 -19.15 1.81
CA LEU A 42 17.16 -18.40 0.79
C LEU A 42 17.84 -19.29 -0.25
N SER A 43 17.85 -18.81 -1.48
CA SER A 43 18.65 -19.43 -2.51
C SER A 43 20.12 -19.13 -2.21
N ALA A 44 21.02 -19.97 -2.77
CA ALA A 44 22.46 -19.74 -2.73
C ALA A 44 22.73 -18.34 -3.25
N ARG A 45 22.12 -17.97 -4.37
CA ARG A 45 22.30 -16.65 -4.96
C ARG A 45 21.92 -15.51 -4.02
N ASP A 46 20.80 -15.69 -3.30
CA ASP A 46 20.40 -14.68 -2.30
C ASP A 46 21.30 -14.68 -1.07
N HIS A 47 21.76 -15.84 -0.66
CA HIS A 47 22.73 -15.87 0.41
C HIS A 47 24.03 -15.20 -0.02
N GLN A 48 24.39 -15.28 -1.28
CA GLN A 48 25.61 -14.65 -1.74
C GLN A 48 25.52 -13.13 -1.71
N LYS A 49 24.31 -12.59 -1.79
CA LYS A 49 24.07 -11.17 -1.65
C LYS A 49 24.23 -10.73 -0.19
N LEU A 50 23.77 -11.58 0.71
CA LEU A 50 24.01 -11.37 2.12
C LEU A 50 25.52 -11.44 2.41
N GLU A 51 26.21 -12.43 1.85
CA GLU A 51 27.67 -12.53 2.03
C GLU A 51 28.39 -11.25 1.57
N ARG A 52 27.93 -10.70 0.45
CA ARG A 52 28.49 -9.45 -0.10
C ARG A 52 28.31 -8.28 0.85
N GLU A 53 27.09 -8.08 1.34
CA GLU A 53 26.78 -7.02 2.27
C GLU A 53 27.57 -7.10 3.55
N ALA A 54 27.65 -8.30 4.13
CA ALA A 54 28.46 -8.52 5.34
C ALA A 54 29.93 -8.17 5.07
N ARG A 55 30.47 -8.63 3.96
CA ARG A 55 31.84 -8.34 3.55
C ARG A 55 32.18 -6.86 3.33
N ILE A 56 31.29 -6.17 2.62
CA ILE A 56 31.38 -4.74 2.35
C ILE A 56 31.27 -3.94 3.64
N CYS A 57 30.30 -4.28 4.47
CA CYS A 57 30.13 -3.59 5.79
C CYS A 57 31.27 -3.80 6.78
N ARG A 58 31.86 -4.98 6.78
CA ARG A 58 33.06 -5.23 7.56
C ARG A 58 34.25 -4.35 7.12
N LEU A 59 34.30 -4.02 5.85
CA LEU A 59 35.38 -3.19 5.31
C LEU A 59 35.30 -1.74 5.79
N LEU A 60 34.07 -1.24 5.93
CA LEU A 60 33.85 0.18 6.05
C LEU A 60 33.82 0.62 7.50
N LYS A 61 34.71 1.55 7.81
CA LYS A 61 34.91 2.07 9.16
C LYS A 61 35.11 3.58 9.04
N HIS A 62 34.06 4.34 9.31
CA HIS A 62 34.06 5.77 9.08
C HIS A 62 33.06 6.43 9.99
N PRO A 63 33.36 7.64 10.53
CA PRO A 63 32.42 8.38 11.39
C PRO A 63 31.00 8.52 10.82
N ASN A 64 30.88 8.59 9.50
CA ASN A 64 29.62 8.82 8.86
C ASN A 64 29.05 7.60 8.19
N ILE A 65 29.49 6.41 8.62
CA ILE A 65 28.91 5.17 8.19
C ILE A 65 28.53 4.37 9.44
N VAL A 66 27.30 3.86 9.50
CA VAL A 66 26.90 2.95 10.57
C VAL A 66 27.82 1.72 10.51
N ARG A 67 28.61 1.53 11.56
CA ARG A 67 29.63 0.50 11.67
C ARG A 67 29.02 -0.88 11.96
N LEU A 68 29.42 -1.86 11.16
CA LEU A 68 29.13 -3.25 11.48
C LEU A 68 30.17 -3.79 12.46
N HIS A 69 29.71 -4.29 13.61
CA HIS A 69 30.63 -4.87 14.59
C HIS A 69 30.77 -6.37 14.53
N ASP A 70 29.80 -7.05 13.94
CA ASP A 70 29.77 -8.50 14.05
C ASP A 70 28.80 -9.06 13.04
N SER A 71 29.19 -10.18 12.42
CA SER A 71 28.39 -10.92 11.45
C SER A 71 28.28 -12.36 11.97
N ILE A 72 27.17 -12.72 12.59
CA ILE A 72 27.04 -14.05 13.19
C ILE A 72 26.11 -14.94 12.36
N SER A 73 26.61 -16.13 12.02
CA SER A 73 25.86 -17.17 11.34
C SER A 73 25.39 -18.22 12.36
N GLU A 74 24.08 -18.45 12.40
CA GLU A 74 23.47 -19.57 13.13
C GLU A 74 22.63 -20.36 12.11
N GLU A 75 22.03 -21.44 12.58
CA GLU A 75 21.20 -22.31 11.73
C GLU A 75 19.85 -21.65 11.42
N GLY A 76 19.71 -21.14 10.19
CA GLY A 76 18.48 -20.52 9.71
C GLY A 76 18.36 -19.04 9.95
N PHE A 77 19.34 -18.46 10.64
CA PHE A 77 19.34 -17.04 10.99
C PHE A 77 20.77 -16.50 10.96
N HIS A 78 20.96 -15.40 10.23
CA HIS A 78 22.19 -14.60 10.25
C HIS A 78 21.94 -13.25 10.93
N TYR A 79 22.93 -12.79 11.71
CA TYR A 79 22.82 -11.56 12.48
C TYR A 79 23.89 -10.55 12.07
N LEU A 80 23.49 -9.35 11.68
CA LEU A 80 24.45 -8.29 11.36
C LEU A 80 24.27 -7.29 12.50
N VAL A 81 25.24 -7.23 13.41
CA VAL A 81 25.24 -6.37 14.60
C VAL A 81 25.93 -5.04 14.26
N PHE A 82 25.13 -3.98 14.28
CA PHE A 82 25.57 -2.66 13.86
C PHE A 82 25.61 -1.77 15.09
N ASP A 83 26.35 -0.66 15.01
CA ASP A 83 26.13 0.49 15.89
C ASP A 83 24.67 0.88 15.91
N LEU A 84 24.17 1.22 17.11
CA LEU A 84 22.83 1.75 17.29
C LEU A 84 22.89 3.24 17.02
N VAL A 85 21.91 3.73 16.27
CA VAL A 85 21.70 5.14 15.97
C VAL A 85 20.26 5.45 16.43
N THR A 86 20.09 6.53 17.20
CA THR A 86 18.81 6.86 17.78
C THR A 86 18.20 8.19 17.33
N GLY A 87 18.79 8.81 16.33
CA GLY A 87 18.38 10.11 15.86
C GLY A 87 17.37 10.07 14.72
N GLY A 88 17.08 8.89 14.21
CA GLY A 88 16.15 8.75 13.10
C GLY A 88 16.68 9.33 11.82
N GLU A 89 15.80 9.50 10.85
CA GLU A 89 16.17 10.04 9.56
C GLU A 89 16.55 11.50 9.63
N LEU A 90 17.64 11.85 8.95
CA LEU A 90 18.03 13.24 8.77
C LEU A 90 16.84 14.11 8.31
N PHE A 91 16.10 13.60 7.34
CA PHE A 91 15.04 14.35 6.69
C PHE A 91 13.86 14.69 7.58
N GLU A 92 13.52 13.76 8.49
CA GLU A 92 12.49 13.97 9.49
C GLU A 92 13.00 14.98 10.51
N ASP A 93 14.28 14.91 10.84
CA ASP A 93 14.83 15.85 11.80
C ASP A 93 14.77 17.28 11.29
N ILE A 94 15.04 17.46 9.99
CA ILE A 94 15.09 18.79 9.39
C ILE A 94 13.75 19.51 9.55
N VAL A 95 12.64 18.78 9.35
CA VAL A 95 11.30 19.37 9.44
C VAL A 95 10.89 19.82 10.85
N ALA A 96 11.56 19.29 11.89
CA ALA A 96 11.28 19.70 13.28
C ALA A 96 12.15 20.87 13.73
N ARG A 97 13.12 21.29 12.93
CA ARG A 97 13.94 22.44 13.29
C ARG A 97 13.24 23.77 13.10
N GLU A 98 13.49 24.69 14.03
CA GLU A 98 13.01 26.04 13.92
C GLU A 98 13.78 26.83 12.87
N TYR A 99 15.07 26.56 12.74
CA TYR A 99 15.94 27.27 11.81
C TYR A 99 16.71 26.30 10.91
N TYR A 100 16.55 26.47 9.60
CA TYR A 100 17.17 25.63 8.60
C TYR A 100 17.55 26.48 7.38
N SER A 101 18.87 26.55 7.11
CA SER A 101 19.45 27.25 5.96
C SER A 101 20.28 26.35 5.00
N GLU A 102 20.80 26.96 3.94
CA GLU A 102 21.78 26.30 3.05
C GLU A 102 23.03 25.86 3.77
N ALA A 103 23.49 26.65 4.75
CA ALA A 103 24.63 26.26 5.57
C ALA A 103 24.35 24.94 6.32
N ASP A 104 23.11 24.74 6.78
CA ASP A 104 22.74 23.46 7.39
C ASP A 104 22.79 22.31 6.38
N ALA A 105 22.19 22.55 5.22
CA ALA A 105 22.16 21.60 4.14
C ALA A 105 23.56 21.24 3.63
N SER A 106 24.45 22.23 3.63
CA SER A 106 25.86 22.02 3.34
C SER A 106 26.55 21.13 4.37
N HIS A 107 26.26 21.38 5.65
CA HIS A 107 26.83 20.60 6.73
C HIS A 107 26.47 19.11 6.57
N CYS A 108 25.22 18.86 6.17
CA CYS A 108 24.70 17.51 5.94
C CYS A 108 25.32 16.83 4.76
N ILE A 109 25.30 17.55 3.64
CA ILE A 109 25.88 17.05 2.40
C ILE A 109 27.36 16.82 2.57
N GLN A 110 28.02 17.64 3.37
CA GLN A 110 29.45 17.43 3.58
C GLN A 110 29.70 16.06 4.22
N GLN A 111 28.96 15.77 5.27
CA GLN A 111 29.04 14.45 5.92
C GLN A 111 28.69 13.27 4.97
N ILE A 112 27.64 13.44 4.17
CA ILE A 112 27.19 12.43 3.23
C ILE A 112 28.30 12.17 2.24
N LEU A 113 28.87 13.23 1.68
CA LEU A 113 30.02 13.14 0.77
C LEU A 113 31.30 12.47 1.38
N GLU A 114 31.59 12.75 2.66
CA GLU A 114 32.71 12.06 3.33
C GLU A 114 32.45 10.54 3.37
N SER A 115 31.21 10.14 3.66
CA SER A 115 30.86 8.70 3.69
C SER A 115 30.93 8.06 2.30
N VAL A 116 30.42 8.77 1.29
CA VAL A 116 30.47 8.32 -0.12
C VAL A 116 31.89 8.23 -0.63
N ASN A 117 32.70 9.22 -0.32
CA ASN A 117 34.12 9.20 -0.65
C ASN A 117 34.87 8.04 -0.01
N HIS A 118 34.57 7.75 1.25
CA HIS A 118 35.16 6.60 1.92
C HIS A 118 34.75 5.28 1.26
N CYS A 119 33.47 5.15 0.95
CA CYS A 119 33.00 4.03 0.17
C CYS A 119 33.80 3.90 -1.11
N HIS A 120 33.86 4.99 -1.89
CA HIS A 120 34.51 4.95 -3.22
C HIS A 120 36.00 4.66 -3.14
N LEU A 121 36.68 5.25 -2.17
CA LEU A 121 38.09 4.91 -1.85
C LEU A 121 38.28 3.43 -1.52
N ASN A 122 37.29 2.82 -0.92
CA ASN A 122 37.35 1.42 -0.62
C ASN A 122 36.72 0.51 -1.67
N GLY A 123 36.52 1.00 -2.90
CA GLY A 123 35.92 0.23 -3.99
C GLY A 123 34.46 -0.15 -3.71
N ILE A 124 33.73 0.70 -3.03
CA ILE A 124 32.32 0.41 -2.78
C ILE A 124 31.39 1.47 -3.34
N VAL A 125 30.43 1.03 -4.16
CA VAL A 125 29.38 1.91 -4.68
C VAL A 125 28.08 1.51 -3.98
N HIS A 126 27.46 2.46 -3.28
CA HIS A 126 26.26 2.18 -2.49
C HIS A 126 25.02 1.84 -3.30
N ARG A 127 24.77 2.65 -4.33
CA ARG A 127 23.63 2.51 -5.28
C ARG A 127 22.22 2.80 -4.78
N ASP A 128 22.04 3.23 -3.54
CA ASP A 128 20.67 3.59 -3.09
C ASP A 128 20.76 4.68 -2.04
N LEU A 129 21.57 5.67 -2.36
CA LEU A 129 21.63 6.84 -1.53
C LEU A 129 20.26 7.52 -1.60
N LYS A 130 19.67 7.74 -0.43
CA LYS A 130 18.33 8.29 -0.34
C LYS A 130 18.08 8.60 1.12
N PRO A 131 17.09 9.45 1.40
CA PRO A 131 16.80 9.88 2.79
C PRO A 131 16.68 8.69 3.77
N GLU A 132 16.11 7.58 3.31
CA GLU A 132 15.94 6.42 4.16
C GLU A 132 17.24 5.88 4.76
N ASN A 133 18.37 6.15 4.09
CA ASN A 133 19.66 5.56 4.41
C ASN A 133 20.60 6.57 5.06
N LEU A 134 20.02 7.69 5.49
CA LEU A 134 20.74 8.78 6.06
C LEU A 134 20.21 9.06 7.44
N LEU A 135 20.90 8.53 8.46
CA LEU A 135 20.35 8.52 9.80
C LEU A 135 21.23 9.34 10.70
N LEU A 136 20.63 9.99 11.69
CA LEU A 136 21.41 10.69 12.68
C LEU A 136 21.79 9.70 13.79
N ALA A 137 23.07 9.74 14.17
CA ALA A 137 23.65 8.90 15.23
C ALA A 137 22.93 8.98 16.57
N SER A 138 22.46 10.16 16.91
CA SER A 138 21.72 10.36 18.16
C SER A 138 20.75 11.50 17.95
N LYS A 139 19.97 11.80 18.97
CA LYS A 139 19.03 12.91 18.95
C LYS A 139 19.67 14.26 19.25
N SER A 140 20.97 14.29 19.48
CA SER A 140 21.68 15.52 19.73
C SER A 140 21.61 16.48 18.52
N LYS A 141 21.51 17.77 18.80
CA LYS A 141 21.62 18.79 17.78
C LYS A 141 22.92 18.65 16.98
N GLY A 142 23.97 18.15 17.62
CA GLY A 142 25.26 17.96 16.97
C GLY A 142 25.51 16.60 16.33
N ALA A 143 24.48 15.76 16.17
CA ALA A 143 24.70 14.38 15.79
C ALA A 143 25.24 14.26 14.35
N ALA A 144 26.15 13.32 14.18
CA ALA A 144 26.66 12.97 12.86
C ALA A 144 25.54 12.29 12.06
N VAL A 145 25.47 12.64 10.79
CA VAL A 145 24.75 11.82 9.80
C VAL A 145 25.57 10.59 9.50
N LYS A 146 24.94 9.42 9.51
CA LYS A 146 25.60 8.17 9.18
C LYS A 146 24.89 7.45 8.01
N LEU A 147 25.68 6.95 7.07
CA LEU A 147 25.20 6.18 5.93
C LEU A 147 24.88 4.75 6.36
N ALA A 148 23.69 4.29 5.98
CA ALA A 148 23.21 2.96 6.31
C ALA A 148 22.78 2.15 5.06
N ASP A 149 22.50 0.89 5.33
CA ASP A 149 21.97 -0.09 4.43
C ASP A 149 22.78 -0.29 3.13
N PHE A 150 23.69 -1.25 3.19
CA PHE A 150 24.54 -1.60 2.05
C PHE A 150 24.04 -2.86 1.37
N GLY A 151 22.74 -3.09 1.46
CA GLY A 151 22.07 -4.23 0.86
C GLY A 151 22.09 -4.21 -0.66
N LEU A 152 22.30 -3.05 -1.26
CA LEU A 152 22.42 -2.93 -2.68
C LEU A 152 23.86 -2.57 -3.16
N ALA A 153 24.79 -2.39 -2.25
CA ALA A 153 26.16 -1.96 -2.60
C ALA A 153 26.87 -2.98 -3.42
N ILE A 154 27.78 -2.49 -4.27
CA ILE A 154 28.60 -3.32 -5.09
C ILE A 154 30.08 -3.01 -4.85
N GLU A 155 30.92 -3.96 -5.21
CA GLU A 155 32.35 -3.87 -5.12
C GLU A 155 32.86 -3.66 -6.53
N VAL A 156 33.50 -2.53 -6.77
CA VAL A 156 34.11 -2.21 -8.08
C VAL A 156 35.63 -2.41 -7.99
N GLN A 157 36.25 -2.66 -9.14
CA GLN A 157 37.70 -2.81 -9.22
C GLN A 157 38.26 -1.50 -9.79
N GLY A 158 38.67 -0.59 -8.92
CA GLY A 158 39.31 0.65 -9.33
C GLY A 158 38.30 1.61 -9.93
N ASP A 159 38.57 2.02 -11.17
CA ASP A 159 37.67 2.92 -11.88
C ASP A 159 37.13 2.23 -13.13
N GLN A 160 37.15 0.90 -13.09
CA GLN A 160 36.49 0.07 -14.10
C GLN A 160 34.97 0.04 -13.83
N GLN A 161 34.20 0.43 -14.85
CA GLN A 161 32.74 0.34 -14.87
C GLN A 161 32.24 -1.04 -15.29
N ALA A 162 31.00 -1.34 -14.96
CA ALA A 162 30.36 -2.57 -15.40
C ALA A 162 28.85 -2.48 -15.33
N TRP A 163 28.19 -3.43 -15.99
CA TRP A 163 26.75 -3.56 -15.95
C TRP A 163 26.36 -4.30 -14.65
N PHE A 164 26.32 -3.59 -13.53
CA PHE A 164 26.04 -4.22 -12.27
C PHE A 164 24.57 -4.52 -12.04
N GLY A 165 23.70 -4.08 -12.92
CA GLY A 165 22.31 -4.44 -12.83
C GLY A 165 21.44 -3.22 -12.64
N PHE A 166 20.14 -3.43 -12.84
CA PHE A 166 19.13 -2.38 -12.70
C PHE A 166 18.63 -2.50 -11.30
N ALA A 167 19.10 -1.60 -10.44
CA ALA A 167 18.87 -1.67 -9.02
C ALA A 167 18.90 -0.27 -8.44
N GLY A 168 18.01 -0.01 -7.49
CA GLY A 168 18.00 1.31 -6.83
C GLY A 168 16.57 1.83 -6.64
N THR A 169 16.44 3.13 -6.48
CA THR A 169 15.15 3.76 -6.27
C THR A 169 14.92 4.71 -7.46
N PRO A 170 13.77 4.57 -8.13
CA PRO A 170 13.48 5.30 -9.35
C PRO A 170 13.85 6.79 -9.38
N GLY A 171 13.38 7.54 -8.38
CA GLY A 171 13.60 8.99 -8.32
C GLY A 171 15.06 9.40 -8.28
N TYR A 172 15.93 8.51 -7.79
CA TYR A 172 17.36 8.81 -7.58
C TYR A 172 18.27 8.10 -8.59
N LEU A 173 17.70 7.30 -9.49
CA LEU A 173 18.47 6.55 -10.50
C LEU A 173 19.17 7.44 -11.48
N SER A 174 20.36 7.02 -11.89
CA SER A 174 21.17 7.84 -12.78
C SER A 174 20.86 7.47 -14.23
N PRO A 175 21.13 8.40 -15.15
CA PRO A 175 20.90 8.18 -16.57
C PRO A 175 21.58 6.92 -17.13
N GLU A 176 22.82 6.66 -16.72
CA GLU A 176 23.58 5.51 -17.22
C GLU A 176 22.97 4.16 -16.77
N VAL A 177 22.45 4.11 -15.55
CA VAL A 177 21.72 2.95 -15.10
C VAL A 177 20.47 2.77 -16.00
N LEU A 178 19.68 3.81 -16.17
CA LEU A 178 18.45 3.73 -16.95
C LEU A 178 18.73 3.33 -18.41
N ARG A 179 19.84 3.84 -18.95
CA ARG A 179 20.31 3.53 -20.28
C ARG A 179 20.83 2.11 -20.46
N LYS A 180 20.92 1.30 -19.40
CA LYS A 180 21.57 -0.03 -19.48
C LYS A 180 23.04 0.09 -19.93
N ASP A 181 23.71 1.16 -19.50
CA ASP A 181 25.14 1.33 -19.75
C ASP A 181 25.96 0.82 -18.56
N PRO A 182 27.27 0.52 -18.80
CA PRO A 182 28.16 0.22 -17.70
C PRO A 182 28.23 1.43 -16.78
N TYR A 183 28.36 1.16 -15.48
CA TYR A 183 28.39 2.21 -14.49
C TYR A 183 29.28 1.89 -13.31
N GLY A 184 29.45 2.87 -12.43
CA GLY A 184 30.25 2.70 -11.22
C GLY A 184 30.00 3.82 -10.21
N LYS A 185 31.09 4.38 -9.69
CA LYS A 185 31.09 5.36 -8.62
C LYS A 185 30.22 6.58 -8.91
N PRO A 186 30.23 7.08 -10.18
CA PRO A 186 29.41 8.25 -10.48
C PRO A 186 27.93 8.16 -10.11
N VAL A 187 27.35 6.95 -10.09
CA VAL A 187 25.90 6.82 -9.82
C VAL A 187 25.50 7.36 -8.45
N ASP A 188 26.42 7.27 -7.50
CA ASP A 188 26.25 7.77 -6.16
C ASP A 188 26.29 9.29 -6.12
N MET A 189 27.06 9.91 -7.01
CA MET A 189 27.12 11.36 -7.13
C MET A 189 25.89 11.98 -7.80
N TRP A 190 25.26 11.28 -8.74
CA TRP A 190 23.95 11.66 -9.24
C TRP A 190 22.91 11.64 -8.11
N ALA A 191 22.94 10.57 -7.34
CA ALA A 191 22.02 10.42 -6.22
C ALA A 191 22.21 11.55 -5.19
N CYS A 192 23.46 11.94 -4.91
CA CYS A 192 23.72 13.07 -4.01
C CYS A 192 23.18 14.38 -4.55
N GLY A 193 23.22 14.54 -5.88
CA GLY A 193 22.67 15.75 -6.52
C GLY A 193 21.19 15.83 -6.24
N VAL A 194 20.51 14.69 -6.42
CA VAL A 194 19.07 14.60 -6.20
C VAL A 194 18.74 14.92 -4.76
N ILE A 195 19.53 14.37 -3.83
CA ILE A 195 19.36 14.59 -2.40
C ILE A 195 19.61 16.05 -2.01
N LEU A 196 20.66 16.64 -2.57
CA LEU A 196 20.97 18.05 -2.36
C LEU A 196 19.83 18.95 -2.86
N TYR A 197 19.34 18.64 -4.05
CA TYR A 197 18.20 19.33 -4.62
C TYR A 197 17.06 19.36 -3.60
N ILE A 198 16.66 18.17 -3.13
CA ILE A 198 15.56 18.02 -2.17
C ILE A 198 15.91 18.67 -0.83
N LEU A 199 17.17 18.64 -0.45
CA LEU A 199 17.58 19.35 0.78
C LEU A 199 17.38 20.88 0.71
N LEU A 200 17.46 21.48 -0.48
CA LEU A 200 17.35 22.96 -0.62
C LEU A 200 15.93 23.50 -0.79
N VAL A 201 15.09 22.76 -1.51
CA VAL A 201 13.70 23.19 -1.78
C VAL A 201 12.63 22.21 -1.24
N GLY A 202 13.01 21.00 -0.86
CA GLY A 202 12.07 20.06 -0.27
C GLY A 202 11.20 19.25 -1.22
N TYR A 203 11.48 19.32 -2.54
CA TYR A 203 10.83 18.42 -3.49
C TYR A 203 11.87 17.91 -4.48
N PRO A 204 11.59 16.76 -5.14
CA PRO A 204 12.58 16.19 -6.06
C PRO A 204 12.70 16.87 -7.41
N PRO A 205 13.91 16.81 -7.99
CA PRO A 205 14.17 17.41 -9.32
C PRO A 205 13.48 16.67 -10.44
N PHE A 206 13.41 15.35 -10.35
CA PHE A 206 12.74 14.56 -11.37
C PHE A 206 11.48 13.95 -10.75
N TRP A 207 10.32 14.32 -11.28
CA TRP A 207 9.08 13.83 -10.72
C TRP A 207 8.02 13.65 -11.79
N ASP A 208 7.50 12.44 -11.88
CA ASP A 208 6.33 12.13 -12.70
C ASP A 208 5.77 10.79 -12.24
N GLU A 209 4.46 10.75 -12.04
CA GLU A 209 3.77 9.56 -11.51
C GLU A 209 3.79 8.43 -12.56
N ASP A 210 3.87 8.81 -13.83
CA ASP A 210 4.18 7.84 -14.88
C ASP A 210 5.68 7.51 -14.90
N GLN A 211 6.02 6.32 -14.41
CA GLN A 211 7.42 5.86 -14.31
C GLN A 211 8.21 6.04 -15.61
N HIS A 212 7.52 6.01 -16.74
CA HIS A 212 8.18 6.14 -18.05
C HIS A 212 8.63 7.56 -18.33
N ARG A 213 7.76 8.52 -17.99
CA ARG A 213 8.08 9.93 -18.13
C ARG A 213 9.07 10.37 -17.04
N LEU A 214 9.06 9.71 -15.89
CA LEU A 214 10.10 9.93 -14.89
C LEU A 214 11.49 9.60 -15.51
N TYR A 215 11.60 8.44 -16.16
CA TYR A 215 12.89 7.98 -16.68
C TYR A 215 13.35 8.82 -17.88
N GLN A 216 12.42 9.26 -18.71
CA GLN A 216 12.73 10.20 -19.80
C GLN A 216 13.23 11.57 -19.30
N GLN A 217 12.62 12.11 -18.24
CA GLN A 217 13.16 13.28 -17.55
C GLN A 217 14.63 13.10 -17.12
N ILE A 218 14.90 12.00 -16.39
CA ILE A 218 16.23 11.71 -15.81
C ILE A 218 17.30 11.61 -16.91
N LYS A 219 17.03 10.76 -17.90
CA LYS A 219 17.93 10.53 -19.01
C LYS A 219 18.20 11.80 -19.80
N ALA A 220 17.22 12.70 -19.88
CA ALA A 220 17.38 13.99 -20.55
C ALA A 220 17.98 15.05 -19.62
N GLY A 221 18.09 14.75 -18.33
CA GLY A 221 18.63 15.66 -17.33
C GLY A 221 17.78 16.90 -17.22
N ALA A 222 16.46 16.71 -17.30
CA ALA A 222 15.49 17.78 -17.41
C ALA A 222 14.95 18.18 -16.04
N TYR A 223 15.73 18.99 -15.34
CA TYR A 223 15.36 19.57 -14.05
C TYR A 223 15.61 21.06 -14.18
N ASP A 224 14.94 21.86 -13.36
CA ASP A 224 15.18 23.29 -13.39
C ASP A 224 15.22 23.87 -11.97
N PHE A 225 15.42 25.18 -11.89
CA PHE A 225 15.46 25.91 -10.66
C PHE A 225 14.37 26.97 -10.69
N PRO A 226 13.09 26.55 -10.62
CA PRO A 226 11.97 27.49 -10.78
C PRO A 226 11.85 28.57 -9.70
N SER A 227 11.23 29.69 -10.07
CA SER A 227 10.92 30.77 -9.14
C SER A 227 9.60 30.48 -8.44
N PRO A 228 9.37 31.07 -7.25
CA PRO A 228 10.29 31.96 -6.53
C PRO A 228 11.38 31.24 -5.71
N GLU A 229 11.14 29.97 -5.36
CA GLU A 229 11.93 29.28 -4.32
C GLU A 229 13.44 29.22 -4.58
N TRP A 230 13.84 29.03 -5.83
CA TRP A 230 15.26 28.95 -6.19
C TRP A 230 15.95 30.31 -6.30
N ASP A 231 15.15 31.39 -6.33
CA ASP A 231 15.68 32.75 -6.51
C ASP A 231 16.56 33.16 -5.33
N THR A 232 16.22 32.62 -4.17
CA THR A 232 16.93 32.89 -2.92
C THR A 232 18.09 31.92 -2.66
N VAL A 233 18.26 30.93 -3.54
CA VAL A 233 19.32 29.94 -3.42
C VAL A 233 20.58 30.50 -4.09
N THR A 234 21.72 30.37 -3.42
CA THR A 234 22.97 30.89 -3.97
C THR A 234 23.34 30.21 -5.30
N PRO A 235 24.04 30.95 -6.19
CA PRO A 235 24.59 30.39 -7.41
C PRO A 235 25.53 29.20 -7.18
N GLU A 236 26.28 29.24 -6.08
CA GLU A 236 27.25 28.18 -5.75
C GLU A 236 26.54 26.86 -5.44
N ALA A 237 25.42 26.91 -4.70
CA ALA A 237 24.58 25.73 -4.48
C ALA A 237 24.08 25.11 -5.81
N LYS A 238 23.58 25.95 -6.70
CA LYS A 238 23.07 25.49 -8.02
C LYS A 238 24.21 24.91 -8.84
N ASP A 239 25.37 25.54 -8.74
CA ASP A 239 26.53 25.06 -9.48
C ASP A 239 26.90 23.65 -9.05
N LEU A 240 26.95 23.39 -7.75
CA LEU A 240 27.22 22.05 -7.23
C LEU A 240 26.18 21.04 -7.71
N ILE A 241 24.91 21.42 -7.63
CA ILE A 241 23.83 20.55 -8.10
C ILE A 241 24.01 20.23 -9.56
N ASN A 242 24.31 21.25 -10.36
CA ASN A 242 24.63 21.06 -11.79
C ASN A 242 25.77 20.10 -12.05
N LYS A 243 26.83 20.20 -11.24
CA LYS A 243 28.01 19.35 -11.41
C LYS A 243 27.76 17.87 -11.07
N MET A 244 26.86 17.63 -10.12
CA MET A 244 26.40 16.30 -9.74
C MET A 244 25.33 15.77 -10.71
N LEU A 245 24.41 16.61 -11.12
CA LEU A 245 23.39 16.20 -12.08
C LEU A 245 23.84 16.41 -13.53
N THR A 246 25.03 15.90 -13.84
CA THR A 246 25.57 15.84 -15.18
C THR A 246 25.31 14.45 -15.78
N ILE A 247 24.62 14.40 -16.91
CA ILE A 247 24.22 13.13 -17.58
C ILE A 247 25.44 12.24 -17.93
N ASN A 248 26.49 12.86 -18.49
CA ASN A 248 27.74 12.16 -18.78
C ASN A 248 28.48 11.91 -17.49
N PRO A 249 28.56 10.64 -17.06
CA PRO A 249 29.10 10.33 -15.77
C PRO A 249 30.61 10.48 -15.67
N ALA A 250 31.27 10.53 -16.81
CA ALA A 250 32.70 10.81 -16.90
C ALA A 250 32.99 12.25 -16.51
N LYS A 251 32.03 13.13 -16.77
CA LYS A 251 32.22 14.54 -16.52
C LYS A 251 31.57 14.99 -15.22
N ARG A 252 30.77 14.09 -14.64
CA ARG A 252 30.17 14.34 -13.33
C ARG A 252 31.24 14.54 -12.26
N ILE A 253 30.95 15.43 -11.31
CA ILE A 253 31.86 15.70 -10.18
C ILE A 253 31.99 14.46 -9.28
N THR A 254 33.21 14.20 -8.80
CA THR A 254 33.46 13.12 -7.87
C THR A 254 33.19 13.61 -6.45
N ALA A 255 33.10 12.65 -5.53
CA ALA A 255 32.95 12.95 -4.11
C ALA A 255 34.11 13.83 -3.59
N SER A 256 35.36 13.44 -3.85
CA SER A 256 36.55 14.21 -3.46
C SER A 256 36.54 15.63 -3.98
N GLU A 257 36.19 15.75 -5.27
CA GLU A 257 36.00 17.05 -5.90
C GLU A 257 34.91 17.85 -5.20
N ALA A 258 33.75 17.24 -4.98
CA ALA A 258 32.62 17.89 -4.32
C ALA A 258 32.95 18.37 -2.90
N LEU A 259 33.82 17.67 -2.19
CA LEU A 259 34.30 18.11 -0.88
C LEU A 259 35.17 19.40 -0.91
N LYS A 260 35.72 19.71 -2.08
CA LYS A 260 36.51 20.92 -2.30
C LYS A 260 35.69 22.00 -3.01
N HIS A 261 34.40 21.77 -3.22
CA HIS A 261 33.52 22.78 -3.77
C HIS A 261 33.31 23.86 -2.70
N PRO A 262 33.47 25.15 -3.10
CA PRO A 262 33.41 26.26 -2.13
C PRO A 262 32.16 26.27 -1.25
N TRP A 263 31.01 25.85 -1.77
CA TRP A 263 29.77 25.75 -1.00
C TRP A 263 29.90 24.76 0.17
N ILE A 264 30.74 23.74 -0.01
CA ILE A 264 31.02 22.75 1.03
C ILE A 264 32.19 23.21 1.90
N CYS A 265 33.38 23.36 1.32
CA CYS A 265 34.59 23.64 2.12
C CYS A 265 34.73 25.10 2.56
N GLN A 266 33.93 25.98 1.97
CA GLN A 266 33.86 27.39 2.41
C GLN A 266 32.43 27.74 2.79
N ARG A 267 31.78 26.81 3.51
CA ARG A 267 30.38 26.91 3.87
C ARG A 267 30.04 28.23 4.54
N SER A 268 30.86 28.60 5.53
CA SER A 268 30.57 29.73 6.41
C SER A 268 30.56 31.08 5.69
N THR A 269 31.25 31.15 4.55
CA THR A 269 31.28 32.37 3.74
C THR A 269 30.53 32.26 2.40
N VAL A 270 30.06 31.06 2.05
CA VAL A 270 29.42 30.82 0.75
C VAL A 270 27.95 30.37 0.84
N ALA A 271 27.66 29.46 1.76
CA ALA A 271 26.30 28.97 1.97
C ALA A 271 25.46 30.09 2.54
N SER A 272 24.23 30.23 2.03
CA SER A 272 23.26 31.20 2.59
C SER A 272 22.85 30.79 4.00
N MET A 273 22.67 31.76 4.86
CA MET A 273 22.22 31.54 6.24
C MET A 273 20.74 31.84 6.45
N MET A 274 20.00 32.13 5.39
CA MET A 274 18.61 32.47 5.54
C MET A 274 17.76 31.23 5.84
N HIS A 275 16.87 31.36 6.82
CA HIS A 275 15.88 30.33 7.07
C HIS A 275 15.04 30.12 5.80
N ARG A 276 14.74 28.85 5.52
CA ARG A 276 13.99 28.46 4.33
C ARG A 276 12.76 27.67 4.74
N GLN A 277 11.90 28.34 5.48
CA GLN A 277 10.64 27.80 5.91
C GLN A 277 9.89 27.01 4.84
N GLU A 278 9.84 27.55 3.64
CA GLU A 278 9.10 26.95 2.55
C GLU A 278 9.67 25.57 2.20
N THR A 279 10.99 25.41 2.33
CA THR A 279 11.67 24.08 2.23
C THR A 279 11.25 23.10 3.33
N VAL A 280 11.19 23.59 4.56
CA VAL A 280 10.78 22.78 5.70
C VAL A 280 9.32 22.34 5.48
N ASP A 281 8.49 23.24 4.96
CA ASP A 281 7.10 22.90 4.68
C ASP A 281 7.01 21.87 3.56
N CYS A 282 7.85 22.03 2.53
CA CYS A 282 7.86 21.07 1.43
C CYS A 282 8.43 19.73 1.82
N LEU A 283 9.53 19.74 2.57
CA LEU A 283 10.13 18.51 3.12
C LEU A 283 9.15 17.71 3.97
N LYS A 284 8.35 18.40 4.75
CA LYS A 284 7.25 17.81 5.51
C LYS A 284 6.34 16.95 4.59
N LYS A 285 5.99 17.54 3.44
CA LYS A 285 5.13 16.91 2.45
C LYS A 285 5.86 15.80 1.72
N PHE A 286 7.14 16.05 1.41
CA PHE A 286 8.00 15.05 0.85
C PHE A 286 8.10 13.81 1.71
N ASN A 287 8.43 14.01 2.98
CA ASN A 287 8.57 12.92 3.96
C ASN A 287 7.27 12.13 4.12
N ALA A 288 6.16 12.85 4.13
CA ALA A 288 4.83 12.27 4.25
C ALA A 288 4.54 11.43 3.04
N ARG A 289 4.91 11.95 1.86
CA ARG A 289 4.76 11.21 0.62
C ARG A 289 5.56 9.92 0.66
N ARG A 290 6.83 10.02 1.10
CA ARG A 290 7.70 8.86 1.24
C ARG A 290 7.11 7.79 2.14
N LYS A 291 6.57 8.19 3.29
CA LYS A 291 5.91 7.25 4.20
C LYS A 291 4.86 6.38 3.46
N LEU A 292 4.14 6.95 2.50
CA LEU A 292 3.13 6.20 1.76
C LEU A 292 3.68 5.09 0.82
N LYS A 293 4.99 5.11 0.58
CA LYS A 293 5.69 4.11 -0.27
C LYS A 293 5.24 4.23 -1.72
N GLY A 294 5.12 3.13 -2.44
CA GLY A 294 4.75 3.27 -3.85
C GLY A 294 5.93 3.54 -4.77
N ALA A 295 5.59 3.83 -6.04
CA ALA A 295 6.49 3.74 -7.22
C ALA A 295 7.83 4.50 -7.19
N ILE A 296 7.77 5.82 -6.97
CA ILE A 296 8.93 6.69 -7.24
C ILE A 296 10.02 6.69 -6.17
N LEU A 297 9.64 6.71 -4.89
CA LEU A 297 10.59 7.00 -3.80
C LEU A 297 11.03 5.74 -3.03
N THR A 298 10.50 4.58 -3.42
CA THR A 298 10.70 3.32 -2.73
C THR A 298 11.69 2.49 -3.51
N THR A 299 12.60 1.84 -2.81
CA THR A 299 13.59 0.98 -3.46
C THR A 299 12.89 -0.08 -4.28
N MET A 300 13.31 -0.24 -5.53
CA MET A 300 12.78 -1.27 -6.43
C MET A 300 12.99 -2.69 -5.92
N LEU A 301 11.93 -3.49 -5.92
CA LEU A 301 11.99 -4.95 -5.70
C LEU A 301 12.82 -5.62 -6.81
N SER B 1 -47.44 -7.45 -21.58
CA SER B 1 -46.79 -6.21 -21.05
C SER B 1 -45.29 -6.33 -21.12
N MET B 2 -44.74 -7.42 -20.60
CA MET B 2 -43.28 -7.61 -20.57
C MET B 2 -42.65 -7.73 -21.97
N THR B 3 -43.26 -8.53 -22.82
CA THR B 3 -42.75 -8.68 -24.18
C THR B 3 -43.24 -7.53 -25.10
N ASP B 4 -44.17 -6.72 -24.60
CA ASP B 4 -44.54 -5.44 -25.23
C ASP B 4 -43.59 -4.29 -24.83
N GLU B 5 -43.01 -4.38 -23.64
CA GLU B 5 -42.17 -3.32 -23.08
C GLU B 5 -40.68 -3.59 -23.21
N TYR B 6 -40.29 -4.87 -23.22
CA TYR B 6 -38.90 -5.29 -23.26
C TYR B 6 -38.68 -6.47 -24.18
N GLN B 7 -37.46 -6.58 -24.67
CA GLN B 7 -37.08 -7.70 -25.50
C GLN B 7 -35.86 -8.40 -24.89
N LEU B 8 -36.04 -9.68 -24.61
CA LEU B 8 -35.03 -10.49 -23.95
C LEU B 8 -34.03 -10.97 -24.97
N PHE B 9 -32.75 -10.88 -24.62
CA PHE B 9 -31.67 -11.46 -25.40
C PHE B 9 -30.94 -12.52 -24.59
N GLU B 10 -29.61 -12.52 -24.63
CA GLU B 10 -28.85 -13.63 -24.11
C GLU B 10 -28.79 -13.64 -22.58
N GLU B 11 -28.49 -14.81 -22.07
CA GLU B 11 -28.26 -15.00 -20.66
C GLU B 11 -26.91 -14.40 -20.24
N LEU B 12 -26.94 -13.53 -19.24
CA LEU B 12 -25.74 -12.93 -18.69
C LEU B 12 -25.22 -13.85 -17.58
N GLY B 13 -26.12 -14.26 -16.72
CA GLY B 13 -25.78 -15.20 -15.64
C GLY B 13 -27.02 -15.82 -15.01
N LYS B 14 -26.85 -16.36 -13.81
CA LYS B 14 -27.89 -17.15 -13.14
C LYS B 14 -27.89 -16.93 -11.62
N GLY B 15 -28.86 -17.56 -10.95
CA GLY B 15 -28.87 -17.71 -9.49
C GLY B 15 -29.33 -19.12 -9.17
N ALA B 16 -29.69 -19.37 -7.92
CA ALA B 16 -30.21 -20.68 -7.49
C ALA B 16 -31.69 -20.90 -7.84
N PHE B 17 -32.30 -19.91 -8.50
CA PHE B 17 -33.63 -20.05 -9.09
C PHE B 17 -34.02 -18.85 -9.98
N SER B 18 -33.02 -18.21 -10.58
CA SER B 18 -33.27 -17.07 -11.45
C SER B 18 -32.17 -16.94 -12.50
N VAL B 19 -32.60 -16.57 -13.70
CA VAL B 19 -31.74 -16.36 -14.83
C VAL B 19 -31.68 -14.85 -14.99
N VAL B 20 -30.53 -14.33 -15.41
CA VAL B 20 -30.43 -12.92 -15.78
C VAL B 20 -30.13 -12.83 -17.28
N ARG B 21 -31.02 -12.19 -18.03
CA ARG B 21 -30.83 -12.01 -19.46
C ARG B 21 -30.73 -10.51 -19.77
N ARG B 22 -29.87 -10.17 -20.73
CA ARG B 22 -29.83 -8.81 -21.25
C ARG B 22 -31.13 -8.55 -22.00
N CYS B 23 -31.59 -7.33 -21.91
CA CYS B 23 -32.83 -6.98 -22.52
C CYS B 23 -32.78 -5.55 -23.01
N MET B 24 -33.72 -5.24 -23.90
CA MET B 24 -33.83 -3.92 -24.48
C MET B 24 -35.25 -3.43 -24.38
N LYS B 25 -35.38 -2.22 -23.87
CA LYS B 25 -36.66 -1.52 -23.84
C LYS B 25 -37.18 -1.26 -25.27
N ILE B 26 -38.45 -1.58 -25.49
CA ILE B 26 -39.13 -1.30 -26.75
C ILE B 26 -39.77 0.09 -26.62
N PRO B 27 -39.64 0.94 -27.66
CA PRO B 27 -38.88 0.80 -28.90
C PRO B 27 -37.53 1.54 -28.87
N THR B 28 -37.15 2.06 -27.69
CA THR B 28 -36.01 2.98 -27.55
C THR B 28 -34.63 2.32 -27.77
N GLY B 29 -34.56 1.01 -27.56
CA GLY B 29 -33.33 0.25 -27.75
C GLY B 29 -32.36 0.35 -26.56
N GLN B 30 -32.81 0.89 -25.42
CA GLN B 30 -31.98 1.00 -24.20
C GLN B 30 -31.81 -0.34 -23.52
N GLU B 31 -30.58 -0.65 -23.12
CA GLU B 31 -30.27 -1.95 -22.53
C GLU B 31 -30.35 -2.00 -21.01
N TYR B 32 -30.73 -3.18 -20.53
CA TYR B 32 -30.95 -3.45 -19.12
C TYR B 32 -30.66 -4.91 -18.87
N ALA B 33 -30.61 -5.30 -17.60
CA ALA B 33 -30.49 -6.69 -17.16
C ALA B 33 -31.79 -7.13 -16.49
N ALA B 34 -32.41 -8.16 -17.04
CA ALA B 34 -33.65 -8.68 -16.54
C ALA B 34 -33.43 -9.97 -15.75
N LYS B 35 -33.76 -9.92 -14.46
CA LYS B 35 -33.76 -11.11 -13.60
C LYS B 35 -35.13 -11.75 -13.78
N ILE B 36 -35.13 -13.00 -14.20
CA ILE B 36 -36.36 -13.74 -14.51
C ILE B 36 -36.56 -14.80 -13.45
N ILE B 37 -37.67 -14.70 -12.72
CA ILE B 37 -38.00 -15.63 -11.66
C ILE B 37 -39.24 -16.44 -12.07
N ASN B 38 -39.04 -17.74 -12.28
CA ASN B 38 -40.16 -18.66 -12.52
C ASN B 38 -40.95 -18.81 -11.23
N THR B 39 -42.19 -18.34 -11.26
CA THR B 39 -43.01 -18.34 -10.07
C THR B 39 -44.09 -19.43 -10.05
N LYS B 40 -44.15 -20.26 -11.09
CA LYS B 40 -45.23 -21.25 -11.24
C LYS B 40 -45.33 -22.19 -10.04
N LYS B 41 -44.18 -22.67 -9.57
CA LYS B 41 -44.14 -23.65 -8.48
C LYS B 41 -43.85 -23.05 -7.10
N LEU B 42 -43.74 -21.72 -7.01
CA LEU B 42 -43.38 -21.07 -5.74
C LEU B 42 -44.50 -21.11 -4.71
N SER B 43 -44.12 -21.31 -3.46
CA SER B 43 -45.00 -21.16 -2.33
C SER B 43 -45.31 -19.68 -2.13
N ALA B 44 -46.42 -19.40 -1.48
CA ALA B 44 -46.76 -18.03 -1.08
C ALA B 44 -45.59 -17.43 -0.31
N ARG B 45 -45.04 -18.22 0.62
CA ARG B 45 -43.92 -17.76 1.43
C ARG B 45 -42.73 -17.35 0.56
N ASP B 46 -42.39 -18.17 -0.43
CA ASP B 46 -41.31 -17.85 -1.35
C ASP B 46 -41.67 -16.67 -2.20
N HIS B 47 -42.91 -16.58 -2.64
CA HIS B 47 -43.28 -15.41 -3.38
C HIS B 47 -43.18 -14.13 -2.56
N GLN B 48 -43.50 -14.21 -1.29
CA GLN B 48 -43.39 -13.09 -0.39
C GLN B 48 -41.97 -12.58 -0.19
N LYS B 49 -40.99 -13.47 -0.39
CA LYS B 49 -39.57 -13.10 -0.39
C LYS B 49 -39.21 -12.34 -1.65
N LEU B 50 -39.76 -12.77 -2.78
CA LEU B 50 -39.69 -12.00 -4.03
C LEU B 50 -40.32 -10.62 -3.83
N GLU B 51 -41.50 -10.56 -3.27
CA GLU B 51 -42.16 -9.28 -3.05
C GLU B 51 -41.29 -8.33 -2.25
N ARG B 52 -40.63 -8.87 -1.23
CA ARG B 52 -39.76 -8.12 -0.36
C ARG B 52 -38.58 -7.52 -1.13
N GLU B 53 -37.89 -8.36 -1.89
CA GLU B 53 -36.77 -7.92 -2.70
C GLU B 53 -37.15 -6.86 -3.73
N ALA B 54 -38.26 -7.07 -4.44
CA ALA B 54 -38.80 -6.06 -5.36
C ALA B 54 -39.05 -4.75 -4.64
N ARG B 55 -39.72 -4.81 -3.51
CA ARG B 55 -40.07 -3.62 -2.73
C ARG B 55 -38.84 -2.84 -2.25
N ILE B 56 -37.87 -3.58 -1.71
CA ILE B 56 -36.59 -3.04 -1.20
C ILE B 56 -35.79 -2.41 -2.32
N CYS B 57 -35.70 -3.10 -3.44
CA CYS B 57 -34.96 -2.59 -4.61
C CYS B 57 -35.59 -1.34 -5.23
N ARG B 58 -36.90 -1.29 -5.27
CA ARG B 58 -37.62 -0.10 -5.73
C ARG B 58 -37.31 1.11 -4.83
N LEU B 59 -37.10 0.87 -3.54
CA LEU B 59 -36.77 1.95 -2.60
C LEU B 59 -35.39 2.57 -2.87
N LEU B 60 -34.42 1.76 -3.30
CA LEU B 60 -33.03 2.15 -3.30
C LEU B 60 -32.61 2.75 -4.63
N LYS B 61 -32.08 3.97 -4.52
CA LYS B 61 -31.67 4.78 -5.65
C LYS B 61 -30.35 5.50 -5.25
N HIS B 62 -29.23 4.95 -5.71
CA HIS B 62 -27.94 5.42 -5.28
C HIS B 62 -26.96 5.09 -6.39
N PRO B 63 -25.96 5.97 -6.64
CA PRO B 63 -24.86 5.70 -7.59
C PRO B 63 -24.14 4.35 -7.43
N ASN B 64 -24.04 3.85 -6.21
CA ASN B 64 -23.34 2.60 -5.91
C ASN B 64 -24.26 1.44 -5.58
N ILE B 65 -25.49 1.49 -6.10
CA ILE B 65 -26.40 0.36 -6.02
C ILE B 65 -26.97 0.15 -7.40
N VAL B 66 -26.98 -1.08 -7.89
CA VAL B 66 -27.64 -1.40 -9.15
C VAL B 66 -29.14 -1.10 -9.02
N ARG B 67 -29.62 -0.13 -9.78
CA ARG B 67 -30.96 0.39 -9.73
C ARG B 67 -31.96 -0.54 -10.42
N LEU B 68 -33.04 -0.87 -9.70
CA LEU B 68 -34.17 -1.55 -10.30
C LEU B 68 -35.04 -0.51 -10.99
N HIS B 69 -35.33 -0.74 -12.28
CA HIS B 69 -36.19 0.17 -12.99
C HIS B 69 -37.63 -0.29 -13.15
N ASP B 70 -37.89 -1.58 -12.94
CA ASP B 70 -39.22 -2.13 -13.25
C ASP B 70 -39.32 -3.52 -12.64
N SER B 71 -40.49 -3.79 -12.06
CA SER B 71 -40.89 -5.08 -11.50
C SER B 71 -42.15 -5.50 -12.26
N ILE B 72 -42.03 -6.44 -13.19
CA ILE B 72 -43.15 -6.86 -14.03
C ILE B 72 -43.66 -8.26 -13.62
N SER B 73 -44.94 -8.36 -13.34
CA SER B 73 -45.56 -9.63 -13.06
C SER B 73 -46.29 -10.14 -14.29
N GLU B 74 -45.97 -11.36 -14.74
CA GLU B 74 -46.78 -12.06 -15.76
C GLU B 74 -47.19 -13.43 -15.19
N GLU B 75 -47.91 -14.22 -15.97
CA GLU B 75 -48.42 -15.51 -15.49
C GLU B 75 -47.30 -16.55 -15.48
N GLY B 76 -46.75 -16.82 -14.29
CA GLY B 76 -45.72 -17.86 -14.12
C GLY B 76 -44.30 -17.32 -14.11
N PHE B 77 -44.15 -16.02 -14.40
CA PHE B 77 -42.84 -15.36 -14.55
C PHE B 77 -42.90 -13.92 -14.04
N HIS B 78 -41.97 -13.59 -13.16
CA HIS B 78 -41.75 -12.23 -12.69
C HIS B 78 -40.39 -11.74 -13.17
N TYR B 79 -40.34 -10.45 -13.54
CA TYR B 79 -39.17 -9.84 -14.16
C TYR B 79 -38.73 -8.62 -13.32
N LEU B 80 -37.46 -8.62 -12.94
CA LEU B 80 -36.89 -7.50 -12.24
C LEU B 80 -35.87 -6.87 -13.20
N VAL B 81 -36.23 -5.74 -13.77
CA VAL B 81 -35.42 -5.07 -14.78
C VAL B 81 -34.51 -4.10 -14.04
N PHE B 82 -33.20 -4.36 -14.17
CA PHE B 82 -32.15 -3.61 -13.48
C PHE B 82 -31.32 -2.88 -14.52
N ASP B 83 -30.63 -1.84 -14.07
CA ASP B 83 -29.47 -1.32 -14.77
C ASP B 83 -28.47 -2.43 -15.13
N LEU B 84 -27.99 -2.36 -16.37
CA LEU B 84 -26.97 -3.27 -16.87
C LEU B 84 -25.62 -2.73 -16.44
N VAL B 85 -24.80 -3.62 -15.89
CA VAL B 85 -23.43 -3.34 -15.46
C VAL B 85 -22.56 -4.32 -16.26
N THR B 86 -21.48 -3.83 -16.85
CA THR B 86 -20.65 -4.65 -17.75
C THR B 86 -19.21 -4.82 -17.27
N GLY B 87 -18.93 -4.34 -16.07
CA GLY B 87 -17.56 -4.35 -15.56
C GLY B 87 -17.20 -5.59 -14.77
N GLY B 88 -18.17 -6.48 -14.55
CA GLY B 88 -17.93 -7.70 -13.83
C GLY B 88 -17.64 -7.47 -12.36
N GLU B 89 -17.17 -8.51 -11.69
CA GLU B 89 -16.85 -8.40 -10.29
C GLU B 89 -15.64 -7.50 -10.05
N LEU B 90 -15.78 -6.64 -9.05
CA LEU B 90 -14.66 -5.80 -8.61
C LEU B 90 -13.41 -6.67 -8.37
N PHE B 91 -13.62 -7.81 -7.71
CA PHE B 91 -12.51 -8.66 -7.34
C PHE B 91 -11.75 -9.25 -8.50
N GLU B 92 -12.45 -9.59 -9.57
CA GLU B 92 -11.80 -10.11 -10.78
C GLU B 92 -11.06 -8.95 -11.43
N ASP B 93 -11.65 -7.77 -11.43
CA ASP B 93 -10.98 -6.61 -12.03
C ASP B 93 -9.65 -6.28 -11.35
N ILE B 94 -9.61 -6.41 -10.03
CA ILE B 94 -8.43 -6.05 -9.24
C ILE B 94 -7.21 -6.85 -9.68
N VAL B 95 -7.40 -8.16 -9.90
CA VAL B 95 -6.31 -9.09 -10.30
C VAL B 95 -5.73 -8.83 -11.70
N ALA B 96 -6.49 -8.15 -12.57
CA ALA B 96 -6.02 -7.80 -13.91
C ALA B 96 -5.34 -6.42 -13.96
N ARG B 97 -5.32 -5.71 -12.84
CA ARG B 97 -4.60 -4.43 -12.78
C ARG B 97 -3.09 -4.62 -12.62
N GLU B 98 -2.33 -3.76 -13.32
CA GLU B 98 -0.89 -3.70 -13.15
C GLU B 98 -0.49 -3.08 -11.82
N TYR B 99 -1.30 -2.14 -11.32
CA TYR B 99 -0.98 -1.41 -10.08
C TYR B 99 -2.17 -1.41 -9.13
N TYR B 100 -1.96 -1.87 -7.90
CA TYR B 100 -3.00 -1.99 -6.90
C TYR B 100 -2.45 -1.75 -5.49
N SER B 101 -2.89 -0.67 -4.86
CA SER B 101 -2.46 -0.26 -3.53
C SER B 101 -3.61 -0.16 -2.53
N GLU B 102 -3.30 0.20 -1.29
CA GLU B 102 -4.34 0.48 -0.28
C GLU B 102 -5.24 1.58 -0.76
N ALA B 103 -4.67 2.60 -1.39
CA ALA B 103 -5.42 3.73 -1.90
C ALA B 103 -6.50 3.23 -2.83
N ASP B 104 -6.18 2.23 -3.65
CA ASP B 104 -7.18 1.64 -4.55
C ASP B 104 -8.27 0.90 -3.78
N ALA B 105 -7.87 0.08 -2.81
CA ALA B 105 -8.82 -0.61 -1.91
C ALA B 105 -9.69 0.37 -1.06
N SER B 106 -9.11 1.50 -0.63
CA SER B 106 -9.87 2.53 0.07
C SER B 106 -10.98 3.09 -0.84
N HIS B 107 -10.62 3.35 -2.11
CA HIS B 107 -11.54 3.89 -3.09
C HIS B 107 -12.75 2.97 -3.27
N CYS B 108 -12.48 1.67 -3.30
CA CYS B 108 -13.51 0.66 -3.38
C CYS B 108 -14.36 0.60 -2.15
N ILE B 109 -13.71 0.42 -1.01
CA ILE B 109 -14.42 0.37 0.26
C ILE B 109 -15.23 1.63 0.51
N GLN B 110 -14.76 2.79 0.08
CA GLN B 110 -15.55 4.00 0.25
C GLN B 110 -16.90 3.92 -0.50
N GLN B 111 -16.85 3.53 -1.76
CA GLN B 111 -18.08 3.29 -2.53
C GLN B 111 -19.01 2.23 -1.92
N ILE B 112 -18.43 1.12 -1.47
CA ILE B 112 -19.18 0.06 -0.82
C ILE B 112 -19.85 0.62 0.45
N LEU B 113 -19.11 1.36 1.24
CA LEU B 113 -19.66 2.01 2.42
C LEU B 113 -20.79 2.98 2.15
N GLU B 114 -20.68 3.79 1.11
CA GLU B 114 -21.74 4.71 0.69
C GLU B 114 -23.00 3.95 0.32
N SER B 115 -22.87 2.79 -0.31
CA SER B 115 -24.04 1.96 -0.65
C SER B 115 -24.71 1.35 0.61
N VAL B 116 -23.89 0.86 1.53
CA VAL B 116 -24.37 0.28 2.79
C VAL B 116 -25.05 1.34 3.65
N ASN B 117 -24.41 2.49 3.74
CA ASN B 117 -24.95 3.62 4.48
C ASN B 117 -26.29 4.06 3.88
N HIS B 118 -26.40 4.09 2.55
CA HIS B 118 -27.68 4.36 1.94
C HIS B 118 -28.75 3.31 2.26
N CYS B 119 -28.39 2.04 2.14
CA CYS B 119 -29.24 0.96 2.61
C CYS B 119 -29.70 1.23 4.05
N HIS B 120 -28.76 1.43 4.97
CA HIS B 120 -29.07 1.54 6.41
C HIS B 120 -29.91 2.79 6.72
N LEU B 121 -29.64 3.89 6.03
CA LEU B 121 -30.52 5.08 6.10
C LEU B 121 -31.97 4.82 5.69
N ASN B 122 -32.15 3.85 4.80
CA ASN B 122 -33.45 3.50 4.28
C ASN B 122 -34.07 2.26 4.97
N GLY B 123 -33.51 1.89 6.12
CA GLY B 123 -33.98 0.75 6.86
C GLY B 123 -33.75 -0.58 6.18
N ILE B 124 -32.66 -0.71 5.42
CA ILE B 124 -32.35 -1.97 4.75
C ILE B 124 -31.03 -2.57 5.22
N VAL B 125 -31.05 -3.85 5.62
CA VAL B 125 -29.82 -4.60 5.88
C VAL B 125 -29.67 -5.67 4.78
N HIS B 126 -28.55 -5.63 4.06
CA HIS B 126 -28.31 -6.51 2.91
C HIS B 126 -28.11 -7.97 3.31
N ARG B 127 -27.28 -8.19 4.33
CA ARG B 127 -26.94 -9.52 4.88
C ARG B 127 -26.12 -10.49 4.01
N ASP B 128 -25.68 -10.09 2.82
CA ASP B 128 -24.80 -10.99 2.05
C ASP B 128 -23.82 -10.16 1.25
N LEU B 129 -23.23 -9.19 1.93
CA LEU B 129 -22.13 -8.44 1.34
C LEU B 129 -20.96 -9.38 1.10
N LYS B 130 -20.55 -9.46 -0.16
CA LYS B 130 -19.47 -10.37 -0.57
C LYS B 130 -19.05 -10.00 -1.98
N PRO B 131 -17.87 -10.47 -2.43
CA PRO B 131 -17.36 -10.08 -3.74
C PRO B 131 -18.36 -10.29 -4.87
N GLU B 132 -19.18 -11.33 -4.77
CA GLU B 132 -20.16 -11.66 -5.79
C GLU B 132 -21.20 -10.55 -5.99
N ASN B 133 -21.37 -9.68 -5.00
CA ASN B 133 -22.43 -8.68 -5.03
C ASN B 133 -21.88 -7.29 -5.22
N LEU B 134 -20.62 -7.23 -5.62
CA LEU B 134 -19.90 -5.99 -5.82
C LEU B 134 -19.44 -5.97 -7.26
N LEU B 135 -20.16 -5.22 -8.10
CA LEU B 135 -19.94 -5.25 -9.53
C LEU B 135 -19.52 -3.87 -10.00
N LEU B 136 -18.68 -3.84 -11.04
CA LEU B 136 -18.32 -2.55 -11.65
C LEU B 136 -19.35 -2.25 -12.73
N ALA B 137 -19.84 -1.00 -12.69
CA ALA B 137 -20.87 -0.50 -13.61
C ALA B 137 -20.49 -0.62 -15.11
N SER B 138 -19.20 -0.46 -15.41
CA SER B 138 -18.65 -0.61 -16.78
C SER B 138 -17.20 -1.09 -16.70
N LYS B 139 -16.59 -1.32 -17.84
CA LYS B 139 -15.22 -1.78 -17.93
C LYS B 139 -14.24 -0.63 -17.76
N SER B 140 -14.75 0.58 -17.58
CA SER B 140 -13.93 1.75 -17.43
C SER B 140 -13.03 1.62 -16.22
N LYS B 141 -11.80 2.12 -16.38
CA LYS B 141 -10.92 2.27 -15.25
C LYS B 141 -11.64 3.05 -14.13
N GLY B 142 -12.50 4.01 -14.50
CA GLY B 142 -13.17 4.84 -13.53
C GLY B 142 -14.54 4.35 -13.08
N ALA B 143 -14.88 3.09 -13.34
CA ALA B 143 -16.23 2.61 -13.12
C ALA B 143 -16.58 2.57 -11.62
N ALA B 144 -17.80 2.97 -11.31
CA ALA B 144 -18.36 2.86 -9.97
C ALA B 144 -18.52 1.39 -9.59
N VAL B 145 -18.18 1.06 -8.34
CA VAL B 145 -18.62 -0.21 -7.76
C VAL B 145 -20.08 -0.03 -7.35
N LYS B 146 -20.90 -1.02 -7.71
CA LYS B 146 -22.34 -1.01 -7.39
C LYS B 146 -22.71 -2.26 -6.62
N LEU B 147 -23.50 -2.07 -5.56
CA LEU B 147 -24.06 -3.16 -4.76
C LEU B 147 -25.23 -3.85 -5.47
N ALA B 148 -25.20 -5.18 -5.53
CA ALA B 148 -26.23 -5.96 -6.16
C ALA B 148 -26.77 -7.07 -5.24
N ASP B 149 -27.84 -7.67 -5.76
CA ASP B 149 -28.52 -8.80 -5.19
C ASP B 149 -29.04 -8.59 -3.79
N PHE B 150 -30.30 -8.15 -3.73
CA PHE B 150 -30.98 -7.90 -2.46
C PHE B 150 -31.95 -9.03 -2.08
N GLY B 151 -31.69 -10.19 -2.66
CA GLY B 151 -32.45 -11.41 -2.39
C GLY B 151 -32.44 -11.89 -0.97
N LEU B 152 -31.46 -11.47 -0.17
CA LEU B 152 -31.45 -11.79 1.26
C LEU B 152 -31.71 -10.59 2.18
N ALA B 153 -31.92 -9.42 1.61
CA ALA B 153 -32.04 -8.16 2.38
C ALA B 153 -33.25 -8.14 3.24
N ILE B 154 -33.17 -7.40 4.33
CA ILE B 154 -34.31 -7.27 5.23
C ILE B 154 -34.62 -5.80 5.49
N GLU B 155 -35.82 -5.58 6.00
CA GLU B 155 -36.32 -4.26 6.31
C GLU B 155 -36.38 -4.19 7.83
N VAL B 156 -35.58 -3.31 8.40
CA VAL B 156 -35.54 -3.11 9.86
C VAL B 156 -36.32 -1.86 10.19
N GLN B 157 -36.77 -1.75 11.45
CA GLN B 157 -37.50 -0.59 11.93
C GLN B 157 -36.59 0.21 12.83
N GLY B 158 -35.90 1.20 12.24
CA GLY B 158 -35.00 2.08 12.97
C GLY B 158 -33.71 1.39 13.36
N ASP B 159 -33.43 1.38 14.66
CA ASP B 159 -32.25 0.70 15.18
C ASP B 159 -32.70 -0.44 16.12
N GLN B 160 -33.95 -0.90 15.92
CA GLN B 160 -34.45 -2.09 16.59
C GLN B 160 -33.88 -3.35 15.91
N GLN B 161 -33.27 -4.21 16.73
CA GLN B 161 -32.75 -5.53 16.30
C GLN B 161 -33.85 -6.60 16.34
N ALA B 162 -33.60 -7.72 15.66
CA ALA B 162 -34.48 -8.87 15.72
C ALA B 162 -33.77 -10.11 15.23
N TRP B 163 -34.38 -11.25 15.52
CA TRP B 163 -33.91 -12.53 14.99
C TRP B 163 -34.44 -12.71 13.57
N PHE B 164 -33.79 -12.12 12.59
CA PHE B 164 -34.25 -12.22 11.22
C PHE B 164 -33.96 -13.55 10.54
N GLY B 165 -33.17 -14.40 11.21
CA GLY B 165 -32.87 -15.75 10.71
C GLY B 165 -31.39 -15.98 10.39
N PHE B 166 -31.05 -17.25 10.21
CA PHE B 166 -29.70 -17.67 9.85
C PHE B 166 -29.56 -17.66 8.32
N ALA B 167 -28.94 -16.62 7.80
CA ALA B 167 -28.89 -16.43 6.36
C ALA B 167 -27.62 -15.66 6.06
N GLY B 168 -26.97 -16.03 4.96
CA GLY B 168 -25.76 -15.34 4.51
C GLY B 168 -24.76 -16.31 3.93
N THR B 169 -23.50 -15.87 3.85
CA THR B 169 -22.41 -16.72 3.37
C THR B 169 -21.48 -16.94 4.55
N PRO B 170 -21.14 -18.23 4.86
CA PRO B 170 -20.35 -18.58 6.06
C PRO B 170 -19.16 -17.68 6.37
N GLY B 171 -18.30 -17.47 5.37
CA GLY B 171 -17.03 -16.76 5.57
C GLY B 171 -17.18 -15.31 6.00
N TYR B 172 -18.35 -14.73 5.74
CA TYR B 172 -18.66 -13.33 6.04
C TYR B 172 -19.70 -13.13 7.13
N LEU B 173 -20.21 -14.23 7.71
CA LEU B 173 -21.22 -14.16 8.77
C LEU B 173 -20.68 -13.54 10.05
N SER B 174 -21.53 -12.79 10.74
CA SER B 174 -21.14 -12.10 11.96
C SER B 174 -21.34 -12.99 13.16
N PRO B 175 -20.63 -12.70 14.26
CA PRO B 175 -20.76 -13.42 15.51
C PRO B 175 -22.20 -13.47 16.07
N GLU B 176 -22.95 -12.37 15.96
CA GLU B 176 -24.33 -12.32 16.50
C GLU B 176 -25.29 -13.23 15.69
N VAL B 177 -25.11 -13.28 14.37
CA VAL B 177 -25.89 -14.21 13.55
C VAL B 177 -25.56 -15.67 13.94
N LEU B 178 -24.27 -15.98 14.09
CA LEU B 178 -23.85 -17.33 14.51
C LEU B 178 -24.32 -17.67 15.93
N ARG B 179 -24.35 -16.67 16.80
CA ARG B 179 -24.84 -16.85 18.16
C ARG B 179 -26.36 -17.05 18.32
N LYS B 180 -27.14 -16.92 17.24
CA LYS B 180 -28.61 -16.87 17.31
C LYS B 180 -29.10 -15.70 18.18
N ASP B 181 -28.40 -14.57 18.10
CA ASP B 181 -28.81 -13.34 18.76
C ASP B 181 -29.65 -12.45 17.82
N PRO B 182 -30.36 -11.47 18.40
CA PRO B 182 -30.98 -10.46 17.54
C PRO B 182 -29.89 -9.69 16.83
N TYR B 183 -30.17 -9.23 15.62
CA TYR B 183 -29.21 -8.47 14.87
C TYR B 183 -29.90 -7.48 13.97
N GLY B 184 -29.07 -6.61 13.36
CA GLY B 184 -29.53 -5.60 12.43
C GLY B 184 -28.39 -5.07 11.59
N LYS B 185 -28.33 -3.75 11.48
CA LYS B 185 -27.36 -3.04 10.62
C LYS B 185 -25.91 -3.42 10.78
N PRO B 186 -25.44 -3.63 12.02
CA PRO B 186 -24.03 -3.98 12.24
C PRO B 186 -23.53 -5.19 11.46
N VAL B 187 -24.41 -6.16 11.15
CA VAL B 187 -23.96 -7.38 10.46
C VAL B 187 -23.29 -7.06 9.13
N ASP B 188 -23.74 -5.98 8.50
CA ASP B 188 -23.19 -5.52 7.22
C ASP B 188 -21.84 -4.87 7.36
N MET B 189 -21.59 -4.26 8.51
CA MET B 189 -20.26 -3.73 8.86
C MET B 189 -19.20 -4.79 9.21
N TRP B 190 -19.61 -5.90 9.82
CA TRP B 190 -18.74 -7.06 9.98
C TRP B 190 -18.32 -7.58 8.63
N ALA B 191 -19.30 -7.71 7.74
CA ALA B 191 -19.07 -8.20 6.38
C ALA B 191 -18.11 -7.29 5.61
N CYS B 192 -18.24 -5.98 5.79
CA CYS B 192 -17.29 -5.03 5.20
C CYS B 192 -15.88 -5.13 5.76
N GLY B 193 -15.76 -5.46 7.04
CA GLY B 193 -14.45 -5.73 7.65
C GLY B 193 -13.80 -6.92 6.98
N VAL B 194 -14.58 -7.98 6.81
CA VAL B 194 -14.08 -9.19 6.13
C VAL B 194 -13.64 -8.88 4.70
N ILE B 195 -14.46 -8.12 3.98
CA ILE B 195 -14.17 -7.75 2.58
C ILE B 195 -12.89 -6.88 2.51
N LEU B 196 -12.81 -5.87 3.37
CA LEU B 196 -11.63 -5.04 3.48
C LEU B 196 -10.37 -5.86 3.77
N TYR B 197 -10.47 -6.81 4.70
CA TYR B 197 -9.37 -7.68 5.00
C TYR B 197 -8.85 -8.39 3.72
N ILE B 198 -9.77 -9.02 2.99
CA ILE B 198 -9.45 -9.70 1.76
C ILE B 198 -8.98 -8.71 0.73
N LEU B 199 -9.54 -7.52 0.69
CA LEU B 199 -9.06 -6.50 -0.25
C LEU B 199 -7.59 -6.10 -0.02
N LEU B 200 -7.11 -6.16 1.22
CA LEU B 200 -5.70 -5.77 1.54
C LEU B 200 -4.64 -6.86 1.34
N VAL B 201 -4.98 -8.11 1.64
CA VAL B 201 -4.01 -9.24 1.57
C VAL B 201 -4.45 -10.38 0.64
N GLY B 202 -5.70 -10.34 0.18
CA GLY B 202 -6.16 -11.30 -0.80
C GLY B 202 -6.52 -12.68 -0.29
N TYR B 203 -6.63 -12.85 1.03
CA TYR B 203 -7.20 -14.07 1.64
C TYR B 203 -8.09 -13.69 2.84
N PRO B 204 -9.00 -14.59 3.23
CA PRO B 204 -9.96 -14.23 4.28
C PRO B 204 -9.38 -14.26 5.68
N PRO B 205 -9.98 -13.46 6.59
CA PRO B 205 -9.53 -13.41 7.97
C PRO B 205 -9.91 -14.67 8.73
N PHE B 206 -11.10 -15.19 8.47
CA PHE B 206 -11.57 -16.40 9.13
C PHE B 206 -11.65 -17.50 8.10
N TRP B 207 -10.83 -18.54 8.28
CA TRP B 207 -10.78 -19.61 7.29
C TRP B 207 -10.52 -20.96 7.93
N ASP B 208 -11.45 -21.88 7.70
CA ASP B 208 -11.26 -23.26 8.09
C ASP B 208 -12.25 -24.06 7.24
N GLU B 209 -11.78 -25.20 6.72
CA GLU B 209 -12.58 -26.06 5.87
C GLU B 209 -13.63 -26.79 6.69
N ASP B 210 -13.32 -27.02 7.97
CA ASP B 210 -14.33 -27.46 8.92
C ASP B 210 -15.20 -26.23 9.23
N GLN B 211 -16.47 -26.30 8.83
CA GLN B 211 -17.44 -25.25 9.07
C GLN B 211 -17.62 -24.91 10.55
N HIS B 212 -17.43 -25.89 11.43
CA HIS B 212 -17.58 -25.69 12.86
C HIS B 212 -16.46 -24.77 13.35
N ARG B 213 -15.22 -25.12 12.98
CA ARG B 213 -14.04 -24.38 13.43
C ARG B 213 -13.97 -23.03 12.75
N LEU B 214 -14.60 -22.90 11.58
CA LEU B 214 -14.82 -21.57 10.95
C LEU B 214 -15.71 -20.68 11.82
N TYR B 215 -16.82 -21.21 12.31
CA TYR B 215 -17.74 -20.45 13.14
C TYR B 215 -17.12 -20.09 14.48
N GLN B 216 -16.37 -21.02 15.10
CA GLN B 216 -15.68 -20.79 16.37
C GLN B 216 -14.64 -19.67 16.27
N GLN B 217 -13.89 -19.65 15.18
CA GLN B 217 -13.00 -18.53 14.85
C GLN B 217 -13.72 -17.18 14.79
N ILE B 218 -14.86 -17.15 14.08
CA ILE B 218 -15.66 -15.92 13.90
C ILE B 218 -16.20 -15.40 15.23
N LYS B 219 -16.88 -16.27 15.96
CA LYS B 219 -17.47 -15.93 17.27
C LYS B 219 -16.41 -15.50 18.28
N ALA B 220 -15.20 -16.04 18.16
CA ALA B 220 -14.06 -15.61 18.98
C ALA B 220 -13.31 -14.40 18.41
N GLY B 221 -13.68 -13.95 17.22
CA GLY B 221 -13.00 -12.81 16.58
C GLY B 221 -11.51 -13.07 16.41
N ALA B 222 -11.18 -14.31 16.07
CA ALA B 222 -9.82 -14.79 16.03
C ALA B 222 -9.28 -14.62 14.61
N TYR B 223 -8.81 -13.41 14.36
CA TYR B 223 -8.09 -13.07 13.12
C TYR B 223 -6.82 -12.34 13.56
N ASP B 224 -5.81 -12.37 12.71
CA ASP B 224 -4.57 -11.65 13.00
C ASP B 224 -4.02 -10.97 11.74
N PHE B 225 -2.93 -10.24 11.92
CA PHE B 225 -2.28 -9.52 10.84
C PHE B 225 -0.85 -10.06 10.68
N PRO B 226 -0.71 -11.33 10.22
CA PRO B 226 0.58 -12.00 10.18
C PRO B 226 1.63 -11.35 9.26
N SER B 227 2.88 -11.61 9.58
CA SER B 227 4.00 -11.17 8.78
C SER B 227 4.27 -12.20 7.68
N PRO B 228 4.90 -11.79 6.57
CA PRO B 228 5.37 -10.43 6.29
C PRO B 228 4.30 -9.49 5.72
N GLU B 229 3.24 -10.05 5.15
CA GLU B 229 2.31 -9.29 4.30
C GLU B 229 1.61 -8.10 5.00
N TRP B 230 1.32 -8.22 6.27
CA TRP B 230 0.65 -7.14 6.99
C TRP B 230 1.61 -6.09 7.52
N ASP B 231 2.92 -6.36 7.43
CA ASP B 231 3.95 -5.47 7.95
C ASP B 231 3.99 -4.16 7.14
N THR B 232 3.62 -4.27 5.86
CA THR B 232 3.58 -3.14 4.94
C THR B 232 2.20 -2.45 4.85
N VAL B 233 1.24 -2.95 5.63
CA VAL B 233 -0.09 -2.36 5.72
C VAL B 233 -0.12 -1.27 6.80
N THR B 234 -0.68 -0.12 6.45
CA THR B 234 -0.73 1.01 7.38
C THR B 234 -1.49 0.69 8.65
N PRO B 235 -1.10 1.31 9.76
CA PRO B 235 -1.85 1.15 11.00
C PRO B 235 -3.30 1.57 10.86
N GLU B 236 -3.54 2.59 10.06
CA GLU B 236 -4.88 3.14 9.87
C GLU B 236 -5.83 2.16 9.18
N ALA B 237 -5.34 1.45 8.18
CA ALA B 237 -6.08 0.32 7.60
C ALA B 237 -6.46 -0.75 8.65
N LYS B 238 -5.50 -1.15 9.47
CA LYS B 238 -5.72 -2.19 10.47
C LYS B 238 -6.71 -1.71 11.49
N ASP B 239 -6.64 -0.44 11.82
CA ASP B 239 -7.53 0.16 12.80
C ASP B 239 -8.97 0.10 12.32
N LEU B 240 -9.19 0.47 11.06
CA LEU B 240 -10.51 0.37 10.47
C LEU B 240 -11.02 -1.06 10.48
N ILE B 241 -10.18 -2.01 10.12
CA ILE B 241 -10.55 -3.41 10.12
C ILE B 241 -10.97 -3.83 11.52
N ASN B 242 -10.18 -3.45 12.50
CA ASN B 242 -10.50 -3.73 13.90
C ASN B 242 -11.82 -3.18 14.35
N LYS B 243 -12.13 -1.98 13.90
CA LYS B 243 -13.38 -1.31 14.30
C LYS B 243 -14.63 -1.96 13.67
N MET B 244 -14.45 -2.57 12.50
CA MET B 244 -15.50 -3.33 11.82
C MET B 244 -15.57 -4.75 12.36
N LEU B 245 -14.42 -5.36 12.57
CA LEU B 245 -14.37 -6.71 13.13
C LEU B 245 -14.37 -6.69 14.66
N THR B 246 -15.35 -5.99 15.23
CA THR B 246 -15.65 -5.99 16.66
C THR B 246 -16.81 -6.94 16.97
N ILE B 247 -16.57 -7.96 17.79
CA ILE B 247 -17.58 -8.98 18.13
C ILE B 247 -18.86 -8.39 18.70
N ASN B 248 -18.74 -7.37 19.55
CA ASN B 248 -19.91 -6.69 20.12
C ASN B 248 -20.41 -5.74 19.07
N PRO B 249 -21.58 -6.06 18.49
CA PRO B 249 -22.11 -5.23 17.41
C PRO B 249 -22.55 -3.81 17.83
N ALA B 250 -22.85 -3.64 19.11
CA ALA B 250 -23.16 -2.32 19.67
C ALA B 250 -21.97 -1.40 19.56
N LYS B 251 -20.77 -1.96 19.68
CA LYS B 251 -19.54 -1.18 19.68
C LYS B 251 -18.87 -1.11 18.32
N ARG B 252 -19.31 -1.97 17.40
CA ARG B 252 -18.83 -1.96 16.03
C ARG B 252 -19.07 -0.60 15.36
N ILE B 253 -18.15 -0.21 14.49
CA ILE B 253 -18.25 1.04 13.71
C ILE B 253 -19.41 0.98 12.70
N THR B 254 -20.12 2.09 12.58
CA THR B 254 -21.20 2.21 11.64
C THR B 254 -20.68 2.65 10.29
N ALA B 255 -21.49 2.49 9.25
CA ALA B 255 -21.17 2.94 7.91
C ALA B 255 -20.76 4.42 7.86
N SER B 256 -21.60 5.27 8.44
CA SER B 256 -21.38 6.72 8.53
C SER B 256 -20.10 7.08 9.21
N GLU B 257 -19.81 6.37 10.30
CA GLU B 257 -18.58 6.53 11.06
C GLU B 257 -17.40 6.10 10.18
N ALA B 258 -17.48 4.90 9.61
CA ALA B 258 -16.44 4.40 8.73
C ALA B 258 -16.13 5.37 7.57
N LEU B 259 -17.13 6.05 7.02
CA LEU B 259 -16.89 7.06 5.97
C LEU B 259 -16.05 8.28 6.44
N LYS B 260 -15.98 8.48 7.75
CA LYS B 260 -15.19 9.55 8.35
C LYS B 260 -13.88 8.99 8.93
N HIS B 261 -13.59 7.72 8.67
CA HIS B 261 -12.32 7.17 9.08
C HIS B 261 -11.23 7.76 8.16
N PRO B 262 -10.11 8.22 8.74
CA PRO B 262 -9.06 8.90 7.97
C PRO B 262 -8.53 8.09 6.78
N TRP B 263 -8.45 6.78 6.92
CA TRP B 263 -8.04 5.91 5.79
C TRP B 263 -8.98 6.03 4.57
N ILE B 264 -10.26 6.31 4.85
CA ILE B 264 -11.29 6.52 3.81
C ILE B 264 -11.33 8.00 3.38
N CYS B 265 -11.62 8.91 4.32
CA CYS B 265 -11.87 10.30 3.94
C CYS B 265 -10.59 11.10 3.77
N GLN B 266 -9.47 10.58 4.25
CA GLN B 266 -8.17 11.22 4.00
C GLN B 266 -7.26 10.27 3.23
N ARG B 267 -7.86 9.54 2.30
CA ARG B 267 -7.21 8.47 1.55
C ARG B 267 -5.88 8.86 0.94
N SER B 268 -5.86 10.03 0.33
CA SER B 268 -4.70 10.50 -0.43
C SER B 268 -3.48 10.74 0.45
N THR B 269 -3.68 11.03 1.73
CA THR B 269 -2.55 11.27 2.66
C THR B 269 -2.36 10.15 3.69
N VAL B 270 -3.27 9.15 3.67
CA VAL B 270 -3.26 8.09 4.68
C VAL B 270 -3.02 6.70 4.07
N ALA B 271 -3.75 6.40 3.00
CA ALA B 271 -3.67 5.09 2.37
C ALA B 271 -2.32 4.94 1.69
N SER B 272 -1.70 3.78 1.91
CA SER B 272 -0.44 3.47 1.27
C SER B 272 -0.63 3.41 -0.24
N MET B 273 0.37 3.93 -0.95
CA MET B 273 0.42 3.92 -2.40
C MET B 273 1.23 2.78 -2.97
N MET B 274 1.76 1.89 -2.13
CA MET B 274 2.59 0.84 -2.67
C MET B 274 1.82 -0.24 -3.37
N HIS B 275 2.32 -0.66 -4.52
CA HIS B 275 1.78 -1.82 -5.21
C HIS B 275 1.93 -3.05 -4.31
N ARG B 276 0.87 -3.85 -4.23
CA ARG B 276 0.84 -5.04 -3.40
C ARG B 276 0.66 -6.29 -4.28
N GLN B 277 1.61 -6.51 -5.15
CA GLN B 277 1.63 -7.69 -6.06
C GLN B 277 1.24 -9.01 -5.37
N GLU B 278 1.70 -9.20 -4.14
CA GLU B 278 1.37 -10.41 -3.37
C GLU B 278 -0.13 -10.53 -3.08
N THR B 279 -0.80 -9.40 -2.83
CA THR B 279 -2.26 -9.36 -2.70
C THR B 279 -2.99 -9.75 -3.98
N VAL B 280 -2.51 -9.22 -5.10
CA VAL B 280 -3.06 -9.52 -6.43
C VAL B 280 -2.89 -11.01 -6.70
N ASP B 281 -1.75 -11.57 -6.31
CA ASP B 281 -1.50 -13.02 -6.52
C ASP B 281 -2.40 -13.83 -5.60
N CYS B 282 -2.60 -13.37 -4.39
CA CYS B 282 -3.51 -14.06 -3.47
C CYS B 282 -4.95 -13.94 -3.87
N LEU B 283 -5.33 -12.77 -4.36
CA LEU B 283 -6.70 -12.54 -4.83
C LEU B 283 -7.04 -13.43 -6.03
N LYS B 284 -6.07 -13.55 -6.94
CA LYS B 284 -6.15 -14.52 -8.07
C LYS B 284 -6.55 -15.91 -7.58
N LYS B 285 -5.88 -16.37 -6.51
CA LYS B 285 -6.18 -17.66 -5.87
C LYS B 285 -7.53 -17.65 -5.16
N PHE B 286 -7.83 -16.57 -4.46
CA PHE B 286 -9.12 -16.38 -3.75
C PHE B 286 -10.33 -16.43 -4.69
N ASN B 287 -10.23 -15.66 -5.77
CA ASN B 287 -11.25 -15.66 -6.83
C ASN B 287 -11.41 -17.04 -7.45
N ALA B 288 -10.29 -17.70 -7.74
CA ALA B 288 -10.27 -19.05 -8.31
C ALA B 288 -10.95 -20.05 -7.38
N ARG B 289 -10.66 -19.94 -6.09
CA ARG B 289 -11.35 -20.71 -5.05
C ARG B 289 -12.85 -20.47 -5.08
N ARG B 290 -13.21 -19.20 -5.15
CA ARG B 290 -14.63 -18.82 -5.15
C ARG B 290 -15.41 -19.40 -6.31
N LYS B 291 -14.80 -19.36 -7.49
CA LYS B 291 -15.37 -20.00 -8.68
C LYS B 291 -15.74 -21.47 -8.45
N LEU B 292 -14.96 -22.18 -7.64
CA LEU B 292 -15.24 -23.59 -7.33
C LEU B 292 -16.56 -23.83 -6.55
N LYS B 293 -17.06 -22.78 -5.87
CA LYS B 293 -18.25 -22.88 -4.98
C LYS B 293 -17.92 -23.71 -3.74
N GLY B 294 -18.92 -24.39 -3.18
CA GLY B 294 -18.71 -25.15 -1.94
C GLY B 294 -18.97 -24.35 -0.68
N ALA B 295 -18.59 -24.93 0.45
CA ALA B 295 -19.03 -24.49 1.79
C ALA B 295 -18.85 -23.00 2.08
N ILE B 296 -17.59 -22.57 2.19
CA ILE B 296 -17.25 -21.34 2.92
C ILE B 296 -17.69 -20.02 2.23
N LEU B 297 -17.50 -19.95 0.91
CA LEU B 297 -17.59 -18.66 0.19
C LEU B 297 -18.87 -18.53 -0.64
N THR B 298 -19.72 -19.55 -0.57
CA THR B 298 -20.98 -19.60 -1.30
C THR B 298 -22.16 -19.31 -0.35
N THR B 299 -23.13 -18.53 -0.83
CA THR B 299 -24.34 -18.20 -0.04
C THR B 299 -25.06 -19.47 0.37
N MET B 300 -25.38 -19.56 1.66
CA MET B 300 -26.10 -20.72 2.22
C MET B 300 -27.47 -20.92 1.58
N LEU B 301 -27.76 -22.15 1.17
CA LEU B 301 -29.12 -22.55 0.75
C LEU B 301 -30.09 -22.47 1.95
#